data_4PMH
#
_entry.id   4PMH
#
_cell.length_a   37.429
_cell.length_b   73.939
_cell.length_c   204.897
_cell.angle_alpha   90.000
_cell.angle_beta   90.000
_cell.angle_gamma   90.000
#
_symmetry.space_group_name_H-M   'C 2 2 21'
#
loop_
_entity.id
_entity.type
_entity.pdbx_description
1 polymer Pectinesterase
2 water water
#
_entity_poly.entity_id   1
_entity_poly.type   'polypeptide(L)'
_entity_poly.pdbx_seq_one_letter_code
;DQTAPGTASRPILTASESNYFTTATYLQGWSPPSISTSKADYTVGNGYNTIQAAVNAAINAGGTTRKYIKINAGTYQEVV
YIPNTKVPLTIYGGGSSPSDTLITLNMPAQTTPSAYKSLVGSLFNSADPAYSMYNSCASKSGTIGTSCSTVFWVKAPAVQ
IVNLSIENSAKNTGDQQAVALQTNSDQIQIHNARLLGHQDTLYAGSGSSSVERSYYTNTYIEGDIDFVFGGGSAIFESCT
FYVKADRRSDTAVVFAPDTDPHKMYGYFVYKSTITGDSAWSSSKKAYLGRAWDSGVSSSSAYVPGTSPNGQLIIKESTID
GIINTSGPWTTATSGRTYSGNNANSRDLNNDNYNRFWEYNNSGNGA
;
_entity_poly.pdbx_strand_id   A
#
# COMPACT_ATOMS: atom_id res chain seq x y z
N ASP A 1 -18.84 -12.35 12.95
CA ASP A 1 -18.93 -13.83 12.89
C ASP A 1 -18.31 -14.34 11.60
N GLN A 2 -17.84 -15.60 11.64
CA GLN A 2 -17.06 -16.17 10.54
C GLN A 2 -17.76 -17.39 9.91
N THR A 3 -19.09 -17.38 9.99
CA THR A 3 -19.90 -18.42 9.37
C THR A 3 -20.28 -18.03 7.97
N ALA A 4 -20.06 -18.96 7.04
CA ALA A 4 -20.39 -18.75 5.61
C ALA A 4 -21.83 -19.20 5.35
N PRO A 5 -22.52 -18.51 4.42
CA PRO A 5 -22.03 -17.41 3.59
C PRO A 5 -21.98 -16.01 4.23
N GLY A 6 -22.30 -15.90 5.53
CA GLY A 6 -22.21 -14.60 6.22
C GLY A 6 -23.48 -13.80 6.11
N THR A 7 -23.40 -12.50 6.43
CA THR A 7 -24.54 -11.60 6.25
C THR A 7 -24.30 -10.64 5.10
N ALA A 8 -25.36 -9.99 4.65
CA ALA A 8 -25.28 -8.96 3.62
C ALA A 8 -24.30 -7.83 3.99
N SER A 9 -24.05 -7.60 5.29
CA SER A 9 -23.11 -6.57 5.75
C SER A 9 -21.71 -7.15 6.03
N ARG A 10 -21.61 -8.47 6.10
CA ARG A 10 -20.34 -9.12 6.39
C ARG A 10 -20.27 -10.53 5.81
N PRO A 11 -20.08 -10.61 4.49
CA PRO A 11 -20.01 -11.90 3.82
C PRO A 11 -18.74 -12.66 4.13
N ILE A 12 -18.88 -13.98 4.24
CA ILE A 12 -17.80 -14.88 4.58
C ILE A 12 -17.71 -15.95 3.52
N LEU A 13 -16.51 -16.22 3.04
CA LEU A 13 -16.28 -17.28 2.07
C LEU A 13 -16.56 -18.67 2.66
N THR A 14 -17.06 -19.57 1.82
CA THR A 14 -17.18 -20.97 2.18
C THR A 14 -15.81 -21.61 2.15
N ALA A 15 -15.68 -22.77 2.80
CA ALA A 15 -14.42 -23.51 2.77
C ALA A 15 -13.96 -23.79 1.34
N SER A 16 -14.90 -24.08 0.47
CA SER A 16 -14.61 -24.40 -0.92
C SER A 16 -14.10 -23.17 -1.68
N GLU A 17 -14.86 -22.09 -1.56
CA GLU A 17 -14.45 -20.78 -2.08
C GLU A 17 -13.03 -20.35 -1.62
N SER A 18 -12.73 -20.59 -0.35
CA SER A 18 -11.41 -20.24 0.22
C SER A 18 -10.25 -20.85 -0.54
N ASN A 19 -10.44 -22.05 -1.11
CA ASN A 19 -9.36 -22.71 -1.86
C ASN A 19 -8.93 -21.95 -3.13
N TYR A 20 -9.76 -21.03 -3.60
CA TYR A 20 -9.40 -20.23 -4.78
C TYR A 20 -8.54 -19.03 -4.40
N PHE A 21 -8.35 -18.80 -3.10
CA PHE A 21 -7.66 -17.59 -2.63
C PHE A 21 -6.58 -17.92 -1.65
N THR A 22 -5.37 -18.02 -2.17
CA THR A 22 -4.21 -18.44 -1.42
C THR A 22 -3.04 -17.61 -1.93
N THR A 23 -1.90 -17.64 -1.24
CA THR A 23 -0.72 -16.93 -1.72
C THR A 23 -0.37 -17.36 -3.14
N ALA A 24 -0.43 -18.66 -3.40
CA ALA A 24 -0.09 -19.21 -4.70
C ALA A 24 -1.00 -18.69 -5.80
N THR A 25 -2.25 -18.52 -5.43
CA THR A 25 -3.27 -18.15 -6.34
C THR A 25 -3.14 -16.65 -6.69
N TYR A 26 -2.95 -15.80 -5.68
CA TYR A 26 -2.69 -14.37 -5.88
C TYR A 26 -1.37 -14.07 -6.62
N LEU A 27 -0.38 -14.95 -6.45
CA LEU A 27 0.91 -14.80 -7.10
C LEU A 27 0.84 -15.02 -8.61
N GLN A 28 -0.14 -15.79 -9.07
CA GLN A 28 -0.43 -15.91 -10.48
C GLN A 28 0.80 -16.36 -11.27
N GLY A 29 1.53 -17.31 -10.72
CA GLY A 29 2.71 -17.85 -11.41
C GLY A 29 4.02 -17.19 -11.02
N TRP A 30 3.96 -16.01 -10.43
CA TRP A 30 5.18 -15.38 -9.94
C TRP A 30 5.76 -16.19 -8.77
N SER A 31 7.04 -16.48 -8.84
CA SER A 31 7.75 -17.16 -7.77
C SER A 31 8.80 -16.20 -7.19
N PRO A 32 8.43 -15.52 -6.10
CA PRO A 32 9.28 -14.45 -5.53
C PRO A 32 10.62 -14.99 -5.03
N PRO A 33 11.72 -14.33 -5.41
CA PRO A 33 12.99 -14.81 -4.86
C PRO A 33 13.11 -14.54 -3.36
N SER A 34 13.85 -15.40 -2.66
CA SER A 34 14.20 -15.18 -1.25
C SER A 34 14.86 -13.83 -1.11
N ILE A 35 14.53 -13.09 -0.05
CA ILE A 35 15.26 -11.86 0.20
C ILE A 35 16.51 -12.32 0.93
N SER A 36 17.65 -11.87 0.47
CA SER A 36 18.91 -12.27 1.02
C SER A 36 19.84 -11.10 0.85
N THR A 37 19.78 -10.18 1.83
CA THR A 37 20.62 -9.00 1.88
C THR A 37 22.07 -9.41 2.25
N SER A 38 22.76 -10.00 1.28
CA SER A 38 24.01 -10.72 1.55
C SER A 38 25.25 -9.91 1.17
N LYS A 39 25.06 -8.63 0.86
CA LYS A 39 26.14 -7.81 0.34
C LYS A 39 25.69 -6.37 0.16
N ALA A 40 26.63 -5.49 -0.14
CA ALA A 40 26.33 -4.09 -0.35
C ALA A 40 27.16 -3.60 -1.52
N ASP A 41 26.51 -3.39 -2.66
CA ASP A 41 27.15 -2.87 -3.86
C ASP A 41 27.29 -1.35 -3.78
N TYR A 42 26.27 -0.70 -3.24
CA TYR A 42 26.26 0.75 -3.00
C TYR A 42 25.77 1.00 -1.59
N THR A 43 26.49 1.83 -0.83
CA THR A 43 26.16 2.08 0.57
C THR A 43 25.99 3.57 0.84
N VAL A 44 24.80 3.95 1.31
CA VAL A 44 24.54 5.31 1.69
C VAL A 44 25.16 5.47 3.07
N GLY A 45 26.18 6.33 3.17
CA GLY A 45 26.98 6.45 4.40
C GLY A 45 28.39 5.90 4.22
N ASN A 46 28.62 5.10 3.17
CA ASN A 46 29.95 4.63 2.81
C ASN A 46 30.13 4.59 1.27
N GLY A 47 29.90 5.74 0.63
CA GLY A 47 29.97 5.86 -0.83
C GLY A 47 28.92 6.78 -1.44
N TYR A 48 27.80 6.97 -0.75
CA TYR A 48 26.70 7.78 -1.25
C TYR A 48 26.14 8.57 -0.08
N ASN A 49 25.96 9.89 -0.25
CA ASN A 49 25.47 10.73 0.85
C ASN A 49 23.99 11.12 0.74
N THR A 50 23.36 10.80 -0.39
CA THR A 50 21.91 10.74 -0.51
C THR A 50 21.55 9.33 -0.98
N ILE A 51 20.32 8.91 -0.70
CA ILE A 51 19.84 7.60 -1.15
C ILE A 51 19.67 7.63 -2.66
N GLN A 52 19.11 8.73 -3.18
CA GLN A 52 18.88 8.88 -4.62
C GLN A 52 20.19 8.63 -5.37
N ALA A 53 21.31 9.15 -4.85
CA ALA A 53 22.61 8.97 -5.50
C ALA A 53 23.01 7.50 -5.62
N ALA A 54 22.70 6.70 -4.62
CA ALA A 54 23.01 5.27 -4.68
C ALA A 54 22.10 4.58 -5.71
N VAL A 55 20.82 4.96 -5.73
CA VAL A 55 19.83 4.41 -6.66
C VAL A 55 20.27 4.71 -8.08
N ASN A 56 20.70 5.95 -8.30
CA ASN A 56 21.13 6.42 -9.58
C ASN A 56 22.33 5.62 -10.04
N ALA A 57 23.29 5.40 -9.15
CA ALA A 57 24.50 4.65 -9.51
C ALA A 57 24.15 3.24 -9.99
N ALA A 58 23.30 2.57 -9.22
CA ALA A 58 22.86 1.20 -9.53
C ALA A 58 22.09 1.13 -10.87
N ILE A 59 21.17 2.07 -11.09
CA ILE A 59 20.40 2.08 -12.33
C ILE A 59 21.29 2.40 -13.54
N ASN A 60 22.13 3.43 -13.41
CA ASN A 60 22.98 3.87 -14.51
C ASN A 60 24.00 2.79 -14.92
N ALA A 61 24.43 1.97 -13.97
CA ALA A 61 25.43 0.95 -14.27
C ALA A 61 24.84 -0.19 -15.06
N GLY A 62 23.52 -0.33 -15.06
CA GLY A 62 22.84 -1.27 -15.91
C GLY A 62 23.09 -2.71 -15.52
N GLY A 63 22.88 -3.62 -16.46
CA GLY A 63 23.06 -5.06 -16.18
C GLY A 63 21.77 -5.71 -15.69
N THR A 64 21.83 -7.04 -15.53
CA THR A 64 20.71 -7.86 -15.11
C THR A 64 20.89 -8.43 -13.73
N THR A 65 22.06 -8.23 -13.14
CA THR A 65 22.36 -8.78 -11.83
C THR A 65 21.76 -7.86 -10.77
N ARG A 66 21.11 -8.49 -9.80
CA ARG A 66 20.48 -7.76 -8.71
C ARG A 66 21.55 -7.00 -7.94
N LYS A 67 21.30 -5.71 -7.74
CA LYS A 67 22.21 -4.83 -7.02
C LYS A 67 21.63 -4.47 -5.65
N TYR A 68 22.52 -4.37 -4.66
CA TYR A 68 22.15 -4.21 -3.27
C TYR A 68 22.60 -2.85 -2.76
N ILE A 69 21.61 -2.06 -2.38
CA ILE A 69 21.84 -0.74 -1.86
C ILE A 69 21.56 -0.79 -0.37
N LYS A 70 22.62 -0.63 0.43
CA LYS A 70 22.51 -0.58 1.87
C LYS A 70 22.39 0.86 2.35
N ILE A 71 21.38 1.12 3.19
CA ILE A 71 21.24 2.45 3.79
C ILE A 71 21.63 2.38 5.26
N ASN A 72 22.76 2.99 5.60
CA ASN A 72 23.18 3.00 6.99
C ASN A 72 22.09 3.58 7.87
N ALA A 73 22.02 3.04 9.09
CA ALA A 73 21.06 3.47 10.09
C ALA A 73 21.09 4.98 10.23
N GLY A 74 19.92 5.60 10.35
CA GLY A 74 19.85 7.06 10.42
C GLY A 74 18.49 7.58 10.02
N THR A 75 18.32 8.89 10.08
CA THR A 75 17.09 9.53 9.63
C THR A 75 17.45 10.33 8.38
N TYR A 76 16.71 10.07 7.29
CA TYR A 76 16.93 10.69 5.99
C TYR A 76 15.70 11.49 5.55
N GLN A 77 15.83 12.81 5.42
CA GLN A 77 14.71 13.65 5.00
C GLN A 77 14.80 13.93 3.50
N GLU A 78 14.31 12.96 2.75
CA GLU A 78 14.43 12.95 1.31
C GLU A 78 13.42 12.01 0.70
N VAL A 79 13.21 12.16 -0.60
CA VAL A 79 12.51 11.15 -1.39
C VAL A 79 13.47 10.12 -1.94
N VAL A 80 12.92 8.99 -2.36
CA VAL A 80 13.64 7.95 -3.11
C VAL A 80 12.77 7.57 -4.29
N TYR A 81 13.28 7.82 -5.50
CA TYR A 81 12.54 7.59 -6.73
C TYR A 81 13.26 6.49 -7.48
N ILE A 82 12.55 5.41 -7.76
CA ILE A 82 13.07 4.33 -8.62
C ILE A 82 12.33 4.40 -9.94
N PRO A 83 12.94 4.99 -10.99
CA PRO A 83 12.34 5.02 -12.31
C PRO A 83 12.41 3.64 -12.98
N ASN A 84 11.65 3.45 -14.04
CA ASN A 84 11.62 2.16 -14.72
C ASN A 84 13.02 1.78 -15.20
N THR A 85 13.43 0.54 -14.93
CA THR A 85 14.76 0.06 -15.27
C THR A 85 14.70 -1.46 -15.28
N LYS A 86 15.62 -2.09 -15.98
CA LYS A 86 15.73 -3.56 -16.00
C LYS A 86 16.71 -4.05 -14.94
N VAL A 87 17.37 -3.13 -14.24
CA VAL A 87 18.24 -3.52 -13.13
C VAL A 87 17.42 -3.93 -11.89
N PRO A 88 17.54 -5.20 -11.43
CA PRO A 88 16.86 -5.57 -10.18
C PRO A 88 17.55 -4.95 -8.97
N LEU A 89 16.79 -4.25 -8.14
CA LEU A 89 17.33 -3.54 -7.00
C LEU A 89 16.76 -4.03 -5.66
N THR A 90 17.64 -4.21 -4.69
CA THR A 90 17.28 -4.44 -3.31
C THR A 90 17.80 -3.26 -2.50
N ILE A 91 16.90 -2.56 -1.81
CA ILE A 91 17.25 -1.42 -0.98
C ILE A 91 16.93 -1.80 0.45
N TYR A 92 17.96 -1.89 1.29
CA TYR A 92 17.77 -2.30 2.66
C TYR A 92 18.46 -1.45 3.69
N GLY A 93 17.82 -1.34 4.85
CA GLY A 93 18.37 -0.60 5.97
C GLY A 93 19.48 -1.42 6.63
N GLY A 94 20.53 -0.73 7.06
CA GLY A 94 21.69 -1.38 7.67
C GLY A 94 21.58 -1.63 9.18
N GLY A 95 20.47 -1.25 9.80
CA GLY A 95 20.30 -1.39 11.26
C GLY A 95 19.83 -2.76 11.70
N SER A 96 19.76 -2.96 13.01
CA SER A 96 19.33 -4.24 13.55
C SER A 96 17.82 -4.44 13.44
N SER A 97 17.10 -3.31 13.51
CA SER A 97 15.65 -3.26 13.42
C SER A 97 15.28 -2.34 12.25
N PRO A 98 14.11 -2.56 11.61
CA PRO A 98 13.74 -1.63 10.52
C PRO A 98 13.48 -0.21 11.01
N SER A 99 13.21 -0.05 12.30
CA SER A 99 13.04 1.31 12.86
C SER A 99 14.33 2.13 12.90
N ASP A 100 15.48 1.45 12.76
CA ASP A 100 16.78 2.09 12.78
C ASP A 100 17.13 2.89 11.49
N THR A 101 16.36 2.71 10.43
CA THR A 101 16.60 3.39 9.18
C THR A 101 15.27 4.02 8.75
N LEU A 102 15.20 5.34 8.79
CA LEU A 102 13.94 6.06 8.61
C LEU A 102 14.06 7.10 7.49
N ILE A 103 13.22 6.96 6.47
CA ILE A 103 13.15 7.88 5.37
C ILE A 103 11.84 8.63 5.55
N THR A 104 11.89 9.92 5.84
CA THR A 104 10.70 10.61 6.27
C THR A 104 10.59 12.04 5.76
N LEU A 105 9.37 12.45 5.44
CA LEU A 105 9.06 13.85 5.10
C LEU A 105 7.64 14.17 5.52
N ASN A 106 7.36 15.45 5.75
CA ASN A 106 5.98 15.96 5.95
C ASN A 106 5.60 16.62 4.62
N MET A 107 4.96 15.86 3.75
CA MET A 107 4.77 16.28 2.37
C MET A 107 3.44 15.78 1.86
N PRO A 108 2.36 16.49 2.21
CA PRO A 108 1.04 16.11 1.72
C PRO A 108 0.80 16.39 0.23
N ALA A 109 -0.28 15.83 -0.30
CA ALA A 109 -0.72 16.14 -1.68
C ALA A 109 -0.93 17.65 -1.86
N GLN A 110 -1.24 18.34 -0.77
CA GLN A 110 -1.57 19.76 -0.80
C GLN A 110 -0.33 20.64 -0.89
N THR A 111 0.86 20.04 -0.77
CA THR A 111 2.11 20.75 -0.95
C THR A 111 2.14 21.53 -2.25
N THR A 112 2.58 22.78 -2.19
CA THR A 112 2.71 23.51 -3.43
C THR A 112 3.95 23.05 -4.16
N PRO A 113 3.96 23.14 -5.50
CA PRO A 113 5.16 22.81 -6.25
C PRO A 113 6.40 23.60 -5.87
N SER A 114 6.25 24.88 -5.50
CA SER A 114 7.43 25.62 -5.04
C SER A 114 8.04 24.99 -3.77
N ALA A 115 7.18 24.64 -2.82
CA ALA A 115 7.63 24.02 -1.60
C ALA A 115 8.27 22.65 -1.89
N TYR A 116 7.70 21.92 -2.85
CA TYR A 116 8.23 20.61 -3.25
C TYR A 116 9.64 20.79 -3.82
N LYS A 117 9.83 21.79 -4.66
CA LYS A 117 11.15 22.07 -5.20
C LYS A 117 12.15 22.39 -4.10
N SER A 118 11.75 23.22 -3.15
CA SER A 118 12.63 23.59 -2.05
C SER A 118 13.00 22.37 -1.22
N LEU A 119 12.02 21.52 -0.99
CA LEU A 119 12.23 20.36 -0.15
C LEU A 119 13.11 19.27 -0.80
N VAL A 120 12.89 18.97 -2.07
CA VAL A 120 13.60 17.81 -2.71
C VAL A 120 14.43 18.14 -3.95
N GLY A 121 14.36 19.38 -4.41
CA GLY A 121 14.94 19.74 -5.70
C GLY A 121 16.42 19.47 -5.78
N SER A 122 17.12 19.66 -4.67
CA SER A 122 18.56 19.45 -4.64
C SER A 122 18.96 17.97 -4.76
N LEU A 123 18.00 17.07 -4.81
CA LEU A 123 18.31 15.66 -5.04
C LEU A 123 18.44 15.33 -6.54
N PHE A 124 18.09 16.27 -7.41
CA PHE A 124 17.90 15.95 -8.83
C PHE A 124 18.64 16.91 -9.78
N ASN A 125 19.50 16.33 -10.62
CA ASN A 125 20.08 17.04 -11.76
C ASN A 125 19.36 16.59 -13.04
N SER A 126 19.29 17.47 -14.03
CA SER A 126 18.55 17.18 -15.28
C SER A 126 19.09 15.98 -16.06
N ALA A 127 20.34 15.59 -15.80
CA ALA A 127 20.93 14.39 -16.39
C ALA A 127 20.58 13.09 -15.70
N ASP A 128 20.01 13.14 -14.49
CA ASP A 128 19.78 11.94 -13.67
C ASP A 128 18.55 11.10 -14.09
N PRO A 129 18.63 9.75 -13.95
CA PRO A 129 17.58 8.86 -14.44
C PRO A 129 16.17 9.10 -13.88
N ALA A 130 16.03 9.62 -12.67
CA ALA A 130 14.69 9.92 -12.13
C ALA A 130 14.24 11.38 -12.32
N TYR A 131 14.94 12.12 -13.17
CA TYR A 131 14.67 13.56 -13.30
C TYR A 131 13.25 13.82 -13.84
N SER A 132 12.81 12.99 -14.77
CA SER A 132 11.47 13.17 -15.36
C SER A 132 10.37 13.00 -14.30
N MET A 133 10.55 12.07 -13.36
CA MET A 133 9.61 11.94 -12.24
C MET A 133 9.58 13.24 -11.43
N TYR A 134 10.76 13.70 -11.00
CA TYR A 134 10.87 14.95 -10.21
C TYR A 134 10.25 16.14 -10.97
N ASN A 135 10.66 16.29 -12.23
CA ASN A 135 10.19 17.40 -13.04
C ASN A 135 8.67 17.39 -13.27
N SER A 136 8.08 16.20 -13.41
CA SER A 136 6.64 16.09 -13.59
C SER A 136 5.88 16.56 -12.34
N CYS A 137 6.45 16.34 -11.16
CA CYS A 137 5.89 16.89 -9.94
C CYS A 137 6.22 18.38 -9.77
N ALA A 138 7.46 18.75 -10.10
CA ALA A 138 7.93 20.13 -9.98
C ALA A 138 7.16 21.07 -10.89
N SER A 139 6.68 20.55 -12.01
CA SER A 139 6.01 21.37 -13.01
C SER A 139 4.51 21.56 -12.84
N LYS A 140 3.93 21.00 -11.79
CA LYS A 140 2.51 21.13 -11.51
C LYS A 140 2.23 22.54 -11.08
N SER A 141 0.97 22.93 -11.01
CA SER A 141 0.63 24.22 -10.39
C SER A 141 -0.32 24.04 -9.21
N GLY A 142 -0.11 24.85 -8.17
CA GLY A 142 -1.02 24.89 -7.02
C GLY A 142 -0.75 23.84 -5.96
N THR A 143 -0.95 22.59 -6.34
CA THR A 143 -0.61 21.46 -5.47
C THR A 143 0.03 20.36 -6.31
N ILE A 144 0.86 19.53 -5.67
CA ILE A 144 1.52 18.44 -6.38
C ILE A 144 0.61 17.22 -6.55
N GLY A 145 -0.33 17.04 -5.61
CA GLY A 145 -1.32 15.97 -5.65
C GLY A 145 -0.84 14.65 -5.07
N THR A 146 -1.74 13.67 -5.07
CA THR A 146 -1.55 12.45 -4.29
C THR A 146 -0.35 11.59 -4.72
N SER A 147 -0.25 11.31 -6.02
CA SER A 147 0.92 10.58 -6.51
C SER A 147 2.23 11.30 -6.17
N CYS A 148 2.29 12.63 -6.33
CA CYS A 148 3.56 13.37 -6.10
C CYS A 148 3.88 13.57 -4.60
N SER A 149 2.95 13.26 -3.72
CA SER A 149 3.21 13.30 -2.29
C SER A 149 4.12 12.14 -1.83
N THR A 150 4.40 11.19 -2.73
CA THR A 150 5.03 9.92 -2.35
C THR A 150 6.46 10.11 -1.91
N VAL A 151 6.79 9.57 -0.75
CA VAL A 151 8.17 9.63 -0.22
C VAL A 151 9.11 8.62 -0.92
N PHE A 152 8.66 7.38 -1.06
CA PHE A 152 9.41 6.32 -1.75
C PHE A 152 8.54 5.79 -2.92
N TRP A 153 8.98 6.04 -4.16
CA TRP A 153 8.16 5.87 -5.36
C TRP A 153 8.83 4.84 -6.28
N VAL A 154 8.21 3.67 -6.43
CA VAL A 154 8.80 2.57 -7.18
C VAL A 154 8.05 2.39 -8.50
N LYS A 155 8.73 2.69 -9.60
CA LYS A 155 8.24 2.47 -10.96
C LYS A 155 9.05 1.44 -11.72
N ALA A 156 9.83 0.60 -11.05
CA ALA A 156 10.58 -0.45 -11.70
C ALA A 156 10.12 -1.79 -11.15
N PRO A 157 10.12 -2.84 -11.99
CA PRO A 157 9.80 -4.18 -11.51
C PRO A 157 10.92 -4.78 -10.68
N ALA A 158 10.60 -5.77 -9.87
CA ALA A 158 11.64 -6.59 -9.23
C ALA A 158 12.40 -5.91 -8.07
N VAL A 159 11.87 -4.79 -7.59
CA VAL A 159 12.47 -4.11 -6.48
C VAL A 159 12.12 -4.84 -5.18
N GLN A 160 13.13 -4.96 -4.31
CA GLN A 160 12.97 -5.45 -2.97
C GLN A 160 13.26 -4.29 -1.98
N ILE A 161 12.36 -4.07 -1.03
CA ILE A 161 12.52 -3.05 0.01
C ILE A 161 12.53 -3.79 1.33
N VAL A 162 13.59 -3.63 2.11
CA VAL A 162 13.84 -4.53 3.25
C VAL A 162 14.35 -3.75 4.44
N ASN A 163 13.88 -4.10 5.64
CA ASN A 163 14.47 -3.62 6.89
C ASN A 163 14.62 -2.09 6.95
N LEU A 164 13.55 -1.36 6.74
CA LEU A 164 13.65 0.07 6.85
C LEU A 164 12.26 0.65 7.03
N SER A 165 12.22 1.93 7.39
CA SER A 165 10.98 2.62 7.68
C SER A 165 10.78 3.76 6.68
N ILE A 166 9.57 3.87 6.15
CA ILE A 166 9.22 4.95 5.25
C ILE A 166 8.03 5.67 5.84
N GLU A 167 8.14 6.98 5.93
CA GLU A 167 7.10 7.76 6.57
C GLU A 167 6.78 9.03 5.80
N ASN A 168 5.49 9.30 5.65
CA ASN A 168 5.04 10.64 5.30
C ASN A 168 4.20 11.15 6.48
N SER A 169 4.76 12.11 7.20
CA SER A 169 4.30 12.47 8.53
C SER A 169 3.21 13.54 8.50
N ALA A 170 2.74 13.90 7.31
CA ALA A 170 1.71 14.92 7.20
C ALA A 170 0.43 14.52 7.93
N LYS A 171 0.06 15.33 8.92
CA LYS A 171 -1.21 15.22 9.63
C LYS A 171 -1.75 16.65 9.94
N ASN A 172 -1.51 17.58 9.02
CA ASN A 172 -1.66 19.02 9.29
C ASN A 172 -3.14 19.46 9.39
N THR A 173 -3.99 18.86 8.57
CA THR A 173 -5.44 18.94 8.68
C THR A 173 -6.02 17.54 8.54
N GLY A 174 -7.32 17.40 8.81
CA GLY A 174 -8.00 16.12 8.61
C GLY A 174 -8.27 15.79 7.15
N ASP A 175 -7.98 16.71 6.23
CA ASP A 175 -8.26 16.49 4.81
C ASP A 175 -7.03 16.11 3.96
N GLN A 176 -5.83 16.08 4.55
CA GLN A 176 -4.61 15.85 3.75
C GLN A 176 -4.32 14.37 3.42
N GLN A 177 -3.97 14.09 2.16
CA GLN A 177 -3.50 12.79 1.71
C GLN A 177 -1.98 12.88 1.65
N ALA A 178 -1.27 11.81 2.03
CA ALA A 178 0.19 11.85 2.02
C ALA A 178 0.77 10.44 1.96
N VAL A 179 1.37 10.12 0.82
CA VAL A 179 1.79 8.76 0.54
C VAL A 179 3.20 8.53 1.04
N ALA A 180 3.39 7.40 1.71
CA ALA A 180 4.71 6.99 2.16
C ALA A 180 5.37 6.15 1.09
N LEU A 181 4.77 5.00 0.78
CA LEU A 181 5.24 4.15 -0.31
C LEU A 181 4.19 4.06 -1.43
N GLN A 182 4.67 4.16 -2.67
CA GLN A 182 3.86 3.92 -3.85
C GLN A 182 4.54 2.92 -4.76
N THR A 183 3.83 1.85 -5.12
CA THR A 183 4.35 0.85 -6.07
C THR A 183 3.53 0.91 -7.38
N ASN A 184 4.24 0.95 -8.51
CA ASN A 184 3.65 1.09 -9.85
C ASN A 184 3.98 -0.08 -10.78
N SER A 185 4.74 -1.05 -10.29
CA SER A 185 5.26 -2.12 -11.14
C SER A 185 5.07 -3.49 -10.55
N ASP A 186 5.45 -4.49 -11.33
CA ASP A 186 5.22 -5.89 -11.02
C ASP A 186 6.43 -6.47 -10.28
N GLN A 187 6.17 -7.47 -9.44
CA GLN A 187 7.15 -8.24 -8.68
C GLN A 187 7.91 -7.45 -7.64
N ILE A 188 7.20 -6.56 -6.94
CA ILE A 188 7.77 -5.82 -5.83
C ILE A 188 7.63 -6.63 -4.54
N GLN A 189 8.69 -6.64 -3.75
CA GLN A 189 8.70 -7.37 -2.50
C GLN A 189 9.06 -6.39 -1.39
N ILE A 190 8.25 -6.34 -0.35
CA ILE A 190 8.50 -5.48 0.81
C ILE A 190 8.59 -6.38 2.03
N HIS A 191 9.74 -6.40 2.70
CA HIS A 191 9.97 -7.38 3.74
C HIS A 191 10.56 -6.74 4.98
N ASN A 192 9.94 -6.97 6.14
CA ASN A 192 10.47 -6.47 7.40
C ASN A 192 10.59 -4.93 7.39
N ALA A 193 9.52 -4.27 7.00
CA ALA A 193 9.52 -2.83 6.87
C ALA A 193 8.42 -2.23 7.71
N ARG A 194 8.49 -0.91 7.85
CA ARG A 194 7.52 -0.14 8.59
C ARG A 194 7.08 1.03 7.69
N LEU A 195 5.79 1.14 7.43
CA LEU A 195 5.24 2.11 6.51
C LEU A 195 4.27 3.00 7.31
N LEU A 196 4.57 4.29 7.44
CA LEU A 196 3.94 5.15 8.44
C LEU A 196 3.29 6.39 7.82
N GLY A 197 2.05 6.62 8.18
CA GLY A 197 1.37 7.77 7.66
C GLY A 197 0.04 7.90 8.33
N HIS A 198 -0.86 8.61 7.68
CA HIS A 198 -2.21 8.75 8.18
C HIS A 198 -3.19 8.41 7.09
N GLN A 199 -3.46 9.36 6.19
CA GLN A 199 -4.33 9.10 5.04
C GLN A 199 -3.47 8.75 3.83
N ASP A 200 -3.77 7.62 3.16
CA ASP A 200 -3.10 7.20 1.93
C ASP A 200 -1.64 6.78 2.14
N THR A 201 -1.35 6.24 3.31
CA THR A 201 0.00 5.76 3.61
C THR A 201 0.63 4.91 2.50
N LEU A 202 -0.04 3.85 2.10
CA LEU A 202 0.54 2.90 1.14
C LEU A 202 -0.32 2.85 -0.12
N TYR A 203 0.26 3.31 -1.23
CA TYR A 203 -0.38 3.26 -2.54
C TYR A 203 0.10 1.96 -3.17
N ALA A 204 -0.64 0.88 -2.94
CA ALA A 204 -0.20 -0.46 -3.35
C ALA A 204 -0.76 -0.82 -4.73
N GLY A 205 0.02 -0.54 -5.77
CA GLY A 205 -0.40 -0.84 -7.15
C GLY A 205 -1.09 0.37 -7.74
N SER A 206 -0.28 1.25 -8.31
CA SER A 206 -0.74 2.51 -8.86
C SER A 206 -0.80 2.44 -10.40
N GLY A 207 -0.32 1.34 -10.99
CA GLY A 207 -0.16 1.26 -12.44
C GLY A 207 -1.30 0.56 -13.14
N SER A 208 -1.17 0.42 -14.46
CA SER A 208 -2.26 -0.11 -15.30
C SER A 208 -2.10 -1.58 -15.65
N SER A 209 -0.98 -2.19 -15.30
CA SER A 209 -0.74 -3.57 -15.72
C SER A 209 -1.82 -4.52 -15.22
N SER A 210 -2.24 -5.41 -16.11
CA SER A 210 -3.19 -6.46 -15.76
C SER A 210 -2.58 -7.35 -14.68
N VAL A 211 -1.27 -7.48 -14.72
CA VAL A 211 -0.50 -8.24 -13.76
C VAL A 211 0.49 -7.27 -13.08
N GLU A 212 0.16 -6.86 -11.86
CA GLU A 212 0.97 -5.90 -11.09
C GLU A 212 0.98 -6.39 -9.66
N ARG A 213 1.95 -7.26 -9.35
CA ARG A 213 1.96 -8.03 -8.13
C ARG A 213 2.99 -7.51 -7.13
N SER A 214 2.59 -7.49 -5.87
CA SER A 214 3.49 -7.10 -4.78
C SER A 214 3.26 -8.01 -3.60
N TYR A 215 4.33 -8.25 -2.84
CA TYR A 215 4.33 -9.20 -1.75
C TYR A 215 4.97 -8.55 -0.54
N TYR A 216 4.13 -8.33 0.47
CA TYR A 216 4.49 -7.76 1.75
C TYR A 216 4.58 -8.86 2.79
N THR A 217 5.73 -8.98 3.44
CA THR A 217 5.96 -9.95 4.49
C THR A 217 6.54 -9.26 5.70
N ASN A 218 6.09 -9.66 6.89
CA ASN A 218 6.61 -9.17 8.14
C ASN A 218 6.70 -7.65 8.21
N THR A 219 5.65 -6.99 7.78
CA THR A 219 5.67 -5.56 7.60
C THR A 219 4.53 -4.90 8.40
N TYR A 220 4.88 -3.74 8.96
CA TYR A 220 4.03 -2.93 9.83
C TYR A 220 3.56 -1.69 9.05
N ILE A 221 2.25 -1.48 9.01
CA ILE A 221 1.67 -0.42 8.23
C ILE A 221 0.64 0.32 9.08
N GLU A 222 0.78 1.63 9.19
CA GLU A 222 -0.15 2.42 9.98
C GLU A 222 -0.73 3.60 9.23
N GLY A 223 -1.90 4.02 9.68
CA GLY A 223 -2.62 5.13 9.10
C GLY A 223 -3.98 5.24 9.76
N ASP A 224 -4.86 6.01 9.17
CA ASP A 224 -6.21 6.13 9.66
C ASP A 224 -7.26 6.06 8.57
N ILE A 225 -7.00 6.61 7.39
CA ILE A 225 -7.98 6.63 6.29
C ILE A 225 -7.38 6.17 4.95
N ASP A 226 -8.01 5.14 4.37
CA ASP A 226 -7.56 4.58 3.09
C ASP A 226 -6.06 4.36 3.09
N PHE A 227 -5.51 3.86 4.19
CA PHE A 227 -4.04 3.80 4.31
C PHE A 227 -3.37 2.62 3.60
N VAL A 228 -4.20 1.77 3.00
CA VAL A 228 -3.71 0.80 2.01
C VAL A 228 -4.71 0.87 0.87
N PHE A 229 -4.30 1.47 -0.24
CA PHE A 229 -5.20 1.81 -1.32
C PHE A 229 -4.55 1.63 -2.69
N GLY A 230 -5.40 1.38 -3.69
CA GLY A 230 -4.93 1.14 -5.05
C GLY A 230 -5.39 -0.14 -5.67
N GLY A 231 -4.76 -0.49 -6.80
CA GLY A 231 -5.28 -1.51 -7.69
C GLY A 231 -4.41 -2.71 -8.00
N GLY A 232 -3.35 -2.92 -7.24
CA GLY A 232 -2.43 -4.01 -7.52
C GLY A 232 -2.98 -5.35 -7.06
N SER A 233 -2.31 -6.41 -7.47
CA SER A 233 -2.47 -7.71 -6.83
C SER A 233 -1.47 -7.74 -5.71
N ALA A 234 -1.90 -7.45 -4.49
CA ALA A 234 -0.98 -7.28 -3.36
C ALA A 234 -1.28 -8.27 -2.25
N ILE A 235 -0.27 -9.04 -1.88
CA ILE A 235 -0.35 -10.05 -0.84
C ILE A 235 0.34 -9.51 0.42
N PHE A 236 -0.34 -9.62 1.55
CA PHE A 236 0.19 -9.18 2.84
C PHE A 236 0.18 -10.37 3.76
N GLU A 237 1.36 -10.95 4.01
CA GLU A 237 1.47 -12.15 4.84
C GLU A 237 2.28 -11.83 6.09
N SER A 238 1.72 -12.16 7.26
CA SER A 238 2.35 -11.88 8.56
C SER A 238 2.65 -10.40 8.73
N CYS A 239 1.68 -9.58 8.39
CA CYS A 239 1.82 -8.13 8.48
C CYS A 239 0.95 -7.62 9.61
N THR A 240 1.20 -6.38 10.03
CA THR A 240 0.38 -5.74 11.03
C THR A 240 -0.11 -4.42 10.47
N PHE A 241 -1.42 -4.20 10.58
CA PHE A 241 -2.06 -2.95 10.14
C PHE A 241 -2.59 -2.24 11.38
N TYR A 242 -2.14 -1.01 11.61
CA TYR A 242 -2.39 -0.31 12.86
C TYR A 242 -3.14 1.00 12.60
N VAL A 243 -4.35 1.09 13.12
CA VAL A 243 -5.20 2.24 12.94
C VAL A 243 -4.87 3.24 14.03
N LYS A 244 -4.31 4.36 13.63
CA LYS A 244 -3.87 5.37 14.57
C LYS A 244 -5.03 6.24 14.99
N ALA A 245 -4.93 6.78 16.19
CA ALA A 245 -5.96 7.65 16.75
C ALA A 245 -5.45 9.09 16.99
N ASP A 246 -4.17 9.33 16.69
CA ASP A 246 -3.51 10.59 17.05
C ASP A 246 -3.83 11.75 16.13
N ARG A 247 -4.27 11.46 14.91
CA ARG A 247 -4.73 12.52 14.05
C ARG A 247 -6.23 12.64 14.20
N ARG A 248 -6.90 11.53 14.39
CA ARG A 248 -8.35 11.55 14.38
C ARG A 248 -8.93 10.31 15.00
N SER A 249 -10.12 10.47 15.57
CA SER A 249 -10.72 9.46 16.43
C SER A 249 -12.23 9.42 16.27
N ASP A 250 -12.71 9.68 15.06
CA ASP A 250 -14.12 9.59 14.76
C ASP A 250 -14.41 8.36 13.90
N THR A 251 -13.76 8.20 12.74
CA THR A 251 -14.23 7.21 11.74
C THR A 251 -13.24 6.65 10.69
N ALA A 252 -12.37 5.74 11.10
CA ALA A 252 -11.25 5.27 10.27
C ALA A 252 -11.63 4.18 9.25
N VAL A 253 -10.78 3.99 8.23
CA VAL A 253 -10.96 2.93 7.23
C VAL A 253 -9.59 2.41 6.78
N VAL A 254 -9.37 1.11 6.78
CA VAL A 254 -8.03 0.58 6.46
C VAL A 254 -7.78 0.52 4.95
N PHE A 255 -8.50 -0.37 4.27
CA PHE A 255 -8.27 -0.67 2.86
C PHE A 255 -9.21 0.11 1.94
N ALA A 256 -8.65 0.62 0.84
CA ALA A 256 -9.43 1.27 -0.21
C ALA A 256 -8.95 0.80 -1.58
N PRO A 257 -9.29 -0.44 -1.98
CA PRO A 257 -8.90 -0.92 -3.30
C PRO A 257 -9.75 -0.38 -4.45
N ASP A 258 -9.09 -0.12 -5.59
CA ASP A 258 -9.77 0.26 -6.83
C ASP A 258 -9.51 -0.80 -7.91
N THR A 259 -9.38 -2.04 -7.45
CA THR A 259 -9.15 -3.17 -8.32
C THR A 259 -10.07 -3.16 -9.54
N ASP A 260 -9.46 -3.31 -10.70
CA ASP A 260 -10.21 -3.45 -11.96
C ASP A 260 -11.21 -4.63 -11.87
N PRO A 261 -12.47 -4.42 -12.34
CA PRO A 261 -13.53 -5.46 -12.28
C PRO A 261 -13.18 -6.78 -12.97
N HIS A 262 -12.27 -6.73 -13.94
CA HIS A 262 -11.85 -7.93 -14.66
C HIS A 262 -10.66 -8.59 -14.00
N LYS A 263 -10.13 -7.96 -12.96
CA LYS A 263 -9.02 -8.52 -12.18
C LYS A 263 -9.61 -9.34 -11.03
N MET A 264 -9.26 -10.63 -10.99
CA MET A 264 -9.68 -11.55 -9.95
C MET A 264 -9.00 -11.26 -8.61
N TYR A 265 -7.71 -10.98 -8.68
CA TYR A 265 -6.86 -10.86 -7.52
C TYR A 265 -6.50 -9.43 -7.19
N GLY A 266 -7.16 -8.88 -6.17
CA GLY A 266 -6.81 -7.58 -5.62
C GLY A 266 -5.91 -7.76 -4.42
N TYR A 267 -6.43 -7.46 -3.25
CA TYR A 267 -5.64 -7.50 -2.02
C TYR A 267 -5.92 -8.80 -1.24
N PHE A 268 -4.86 -9.46 -0.80
CA PHE A 268 -4.95 -10.67 0.02
C PHE A 268 -4.19 -10.46 1.32
N VAL A 269 -4.93 -10.44 2.42
CA VAL A 269 -4.39 -10.28 3.76
C VAL A 269 -4.48 -11.64 4.46
N TYR A 270 -3.33 -12.22 4.81
CA TYR A 270 -3.21 -13.60 5.29
C TYR A 270 -2.26 -13.72 6.49
N LYS A 271 -2.69 -14.42 7.55
CA LYS A 271 -1.93 -14.60 8.77
C LYS A 271 -1.41 -13.25 9.28
N SER A 272 -2.25 -12.24 9.23
CA SER A 272 -1.87 -10.89 9.62
C SER A 272 -2.69 -10.43 10.84
N THR A 273 -2.40 -9.21 11.33
CA THR A 273 -3.08 -8.64 12.44
C THR A 273 -3.60 -7.27 12.04
N ILE A 274 -4.86 -7.03 12.36
CA ILE A 274 -5.47 -5.73 12.17
C ILE A 274 -5.85 -5.14 13.53
N THR A 275 -5.22 -4.04 13.90
CA THR A 275 -5.35 -3.51 15.23
C THR A 275 -5.24 -1.98 15.20
N GLY A 276 -5.09 -1.38 16.37
CA GLY A 276 -4.98 0.06 16.41
C GLY A 276 -4.96 0.57 17.82
N ASP A 277 -5.03 1.89 17.93
CA ASP A 277 -5.04 2.56 19.22
C ASP A 277 -6.31 2.21 19.99
N SER A 278 -6.16 2.20 21.31
CA SER A 278 -7.19 1.77 22.27
C SER A 278 -8.48 2.54 22.11
N ALA A 279 -8.37 3.80 21.72
CA ALA A 279 -9.53 4.62 21.48
C ALA A 279 -10.57 3.91 20.59
N TRP A 280 -10.10 3.27 19.51
CA TRP A 280 -10.98 2.53 18.56
C TRP A 280 -11.61 1.30 19.20
N SER A 281 -10.89 0.69 20.15
CA SER A 281 -11.41 -0.43 20.94
C SER A 281 -12.71 -0.07 21.66
N SER A 282 -12.73 1.11 22.29
CA SER A 282 -13.95 1.57 22.96
C SER A 282 -14.92 2.20 21.95
N SER A 283 -14.39 2.68 20.83
CA SER A 283 -15.20 3.32 19.80
C SER A 283 -15.93 2.33 18.86
N LYS A 284 -15.21 1.30 18.44
CA LYS A 284 -15.66 0.39 17.36
C LYS A 284 -16.04 1.14 16.09
N LYS A 285 -15.40 2.30 15.87
CA LYS A 285 -15.71 3.20 14.77
C LYS A 285 -14.65 3.14 13.66
N ALA A 286 -13.91 2.04 13.55
CA ALA A 286 -13.08 1.84 12.39
C ALA A 286 -13.75 0.84 11.46
N TYR A 287 -13.53 1.03 10.16
CA TYR A 287 -13.96 0.05 9.16
C TYR A 287 -12.76 -0.66 8.53
N LEU A 288 -12.95 -1.93 8.20
CA LEU A 288 -11.94 -2.68 7.49
C LEU A 288 -11.71 -2.13 6.08
N GLY A 289 -12.74 -1.62 5.43
CA GLY A 289 -12.57 -1.18 4.07
C GLY A 289 -13.72 -0.42 3.43
N ARG A 290 -13.39 0.23 2.32
CA ARG A 290 -14.37 0.79 1.41
C ARG A 290 -13.78 0.77 -0.01
N ALA A 291 -14.65 0.76 -0.99
CA ALA A 291 -14.21 0.74 -2.37
C ALA A 291 -13.70 2.12 -2.74
N TRP A 292 -12.51 2.15 -3.34
CA TRP A 292 -12.03 3.36 -4.01
C TRP A 292 -12.52 3.24 -5.44
N ASP A 293 -13.58 4.00 -5.71
CA ASP A 293 -14.28 3.97 -6.97
C ASP A 293 -13.62 5.05 -7.85
N SER A 294 -12.34 4.84 -8.18
CA SER A 294 -11.56 5.84 -8.95
C SER A 294 -12.20 6.17 -10.29
N GLY A 295 -12.32 7.47 -10.55
CA GLY A 295 -12.90 7.98 -11.78
C GLY A 295 -14.41 7.89 -11.87
N VAL A 296 -15.07 7.52 -10.76
CA VAL A 296 -16.53 7.42 -10.72
C VAL A 296 -17.07 8.63 -9.97
N SER A 297 -17.87 9.42 -10.69
CA SER A 297 -18.29 10.73 -10.22
C SER A 297 -19.25 10.72 -9.03
N SER A 298 -20.17 9.77 -9.05
CA SER A 298 -21.21 9.63 -8.04
C SER A 298 -21.70 8.20 -8.14
N SER A 299 -22.54 7.77 -7.21
CA SER A 299 -23.12 6.43 -7.29
C SER A 299 -23.86 6.22 -8.61
N SER A 300 -24.45 7.30 -9.15
CA SER A 300 -25.12 7.25 -10.45
C SER A 300 -24.20 6.89 -11.61
N ALA A 301 -22.91 7.18 -11.48
CA ALA A 301 -21.97 6.97 -12.58
C ALA A 301 -21.30 5.60 -12.59
N TYR A 302 -21.62 4.77 -11.59
CA TYR A 302 -21.01 3.44 -11.48
C TYR A 302 -21.56 2.48 -12.55
N VAL A 303 -20.65 1.92 -13.35
CA VAL A 303 -20.97 0.96 -14.38
C VAL A 303 -20.38 -0.41 -14.00
N PRO A 304 -21.24 -1.34 -13.53
CA PRO A 304 -20.79 -2.69 -13.15
C PRO A 304 -20.10 -3.40 -14.31
N GLY A 305 -18.88 -3.90 -14.07
CA GLY A 305 -18.06 -4.52 -15.12
C GLY A 305 -17.09 -3.59 -15.84
N THR A 306 -17.28 -2.28 -15.69
CA THR A 306 -16.40 -1.29 -16.31
C THR A 306 -15.71 -0.43 -15.22
N SER A 307 -16.50 0.11 -14.28
CA SER A 307 -15.94 0.86 -13.15
C SER A 307 -15.10 -0.04 -12.25
N PRO A 308 -14.14 0.56 -11.50
CA PRO A 308 -13.37 -0.25 -10.56
C PRO A 308 -14.31 -0.90 -9.56
N ASN A 309 -13.92 -2.07 -9.08
CA ASN A 309 -14.67 -2.67 -8.01
C ASN A 309 -13.72 -3.42 -7.09
N GLY A 310 -13.23 -2.67 -6.09
CA GLY A 310 -12.16 -3.12 -5.20
C GLY A 310 -12.32 -4.54 -4.67
N GLN A 311 -11.24 -5.32 -4.74
CA GLN A 311 -11.24 -6.71 -4.32
C GLN A 311 -10.30 -6.88 -3.15
N LEU A 312 -10.80 -7.53 -2.08
CA LEU A 312 -10.06 -7.74 -0.84
C LEU A 312 -10.55 -8.99 -0.11
N ILE A 313 -9.63 -9.88 0.22
CA ILE A 313 -9.91 -11.00 1.09
C ILE A 313 -9.00 -10.95 2.32
N ILE A 314 -9.61 -10.99 3.51
CA ILE A 314 -8.87 -11.13 4.77
C ILE A 314 -9.10 -12.53 5.27
N LYS A 315 -8.03 -13.32 5.28
CA LYS A 315 -8.09 -14.76 5.59
C LYS A 315 -7.16 -15.14 6.75
N GLU A 316 -7.67 -15.93 7.70
CA GLU A 316 -6.86 -16.47 8.80
C GLU A 316 -6.00 -15.42 9.48
N SER A 317 -6.62 -14.27 9.71
CA SER A 317 -5.98 -13.15 10.34
C SER A 317 -6.66 -12.83 11.68
N THR A 318 -5.92 -12.09 12.50
CA THR A 318 -6.41 -11.60 13.77
C THR A 318 -6.98 -10.20 13.57
N ILE A 319 -8.25 -10.00 13.92
CA ILE A 319 -8.87 -8.69 13.81
C ILE A 319 -9.24 -8.25 15.22
N ASP A 320 -8.66 -7.15 15.70
CA ASP A 320 -8.95 -6.74 17.07
C ASP A 320 -10.27 -6.00 17.13
N GLY A 321 -10.78 -5.79 18.34
CA GLY A 321 -12.10 -5.21 18.53
C GLY A 321 -12.10 -3.72 18.34
N ILE A 322 -11.55 -3.26 17.23
CA ILE A 322 -11.49 -1.84 16.91
C ILE A 322 -12.49 -1.51 15.81
N ILE A 323 -13.11 -2.54 15.23
CA ILE A 323 -14.00 -2.36 14.09
C ILE A 323 -15.45 -2.53 14.44
N ASN A 324 -16.28 -2.01 13.56
CA ASN A 324 -17.70 -2.26 13.58
C ASN A 324 -17.97 -3.73 13.22
N THR A 325 -18.27 -4.53 14.23
CA THR A 325 -18.31 -5.98 14.11
C THR A 325 -19.51 -6.48 13.29
N SER A 326 -20.57 -5.68 13.23
CA SER A 326 -21.75 -6.01 12.40
C SER A 326 -21.62 -5.53 10.94
N GLY A 327 -20.86 -4.45 10.72
CA GLY A 327 -20.75 -3.80 9.42
C GLY A 327 -19.39 -3.13 9.19
N PRO A 328 -18.35 -3.96 8.97
CA PRO A 328 -16.97 -3.51 8.83
C PRO A 328 -16.63 -2.87 7.47
N TRP A 329 -17.57 -2.86 6.53
CA TRP A 329 -17.34 -2.34 5.19
C TRP A 329 -18.25 -1.13 4.95
N THR A 330 -17.67 0.01 4.60
CA THR A 330 -18.48 1.23 4.48
C THR A 330 -18.61 1.78 3.04
N THR A 331 -19.26 2.95 2.91
CA THR A 331 -19.60 3.49 1.63
C THR A 331 -18.38 3.75 0.76
N ALA A 332 -18.48 3.44 -0.53
CA ALA A 332 -17.38 3.74 -1.47
C ALA A 332 -17.13 5.25 -1.60
N THR A 333 -15.93 5.59 -2.06
CA THR A 333 -15.54 7.00 -2.26
C THR A 333 -16.49 7.78 -3.19
N SER A 334 -17.16 7.04 -4.07
CA SER A 334 -18.18 7.58 -5.00
C SER A 334 -19.54 7.87 -4.37
N GLY A 335 -19.78 7.35 -3.17
CA GLY A 335 -21.12 7.33 -2.58
C GLY A 335 -21.86 6.03 -2.83
N ARG A 336 -21.26 5.13 -3.61
CA ARG A 336 -21.87 3.84 -3.86
C ARG A 336 -21.98 3.04 -2.55
N THR A 337 -23.20 2.80 -2.10
CA THR A 337 -23.42 2.11 -0.82
C THR A 337 -22.78 0.71 -0.82
N TYR A 338 -22.25 0.32 0.34
CA TYR A 338 -21.69 -1.04 0.47
C TYR A 338 -22.80 -2.07 0.29
N SER A 339 -22.55 -3.08 -0.55
CA SER A 339 -23.50 -4.18 -0.72
C SER A 339 -22.76 -5.53 -0.72
N GLY A 340 -23.06 -6.36 0.26
CA GLY A 340 -22.43 -7.68 0.39
C GLY A 340 -23.37 -8.77 -0.10
N ASN A 341 -22.81 -9.73 -0.82
CA ASN A 341 -23.57 -10.82 -1.35
C ASN A 341 -23.39 -12.05 -0.46
N ASN A 342 -24.41 -12.31 0.34
CA ASN A 342 -24.37 -13.46 1.23
C ASN A 342 -25.26 -14.62 0.79
N ALA A 343 -25.54 -14.73 -0.50
CA ALA A 343 -26.28 -15.87 -1.02
C ALA A 343 -25.43 -17.10 -0.91
N ASN A 344 -26.07 -18.25 -0.68
CA ASN A 344 -25.34 -19.49 -0.50
C ASN A 344 -24.63 -19.86 -1.78
N SER A 345 -25.28 -19.60 -2.92
CA SER A 345 -24.61 -19.71 -4.21
C SER A 345 -24.41 -18.32 -4.80
N ARG A 346 -23.22 -18.07 -5.34
CA ARG A 346 -22.86 -16.72 -5.77
C ARG A 346 -21.64 -16.72 -6.65
N ASP A 347 -21.45 -15.62 -7.37
CA ASP A 347 -20.21 -15.34 -8.10
C ASP A 347 -19.41 -14.28 -7.34
N LEU A 348 -18.25 -14.66 -6.82
CA LEU A 348 -17.47 -13.73 -6.01
C LEU A 348 -16.86 -12.60 -6.85
N ASN A 349 -16.96 -12.70 -8.17
CA ASN A 349 -16.53 -11.64 -9.07
C ASN A 349 -17.67 -10.80 -9.63
N ASN A 350 -18.87 -10.99 -9.12
CA ASN A 350 -20.04 -10.20 -9.52
C ASN A 350 -19.80 -8.74 -9.16
N ASP A 351 -20.11 -7.84 -10.09
CA ASP A 351 -19.83 -6.40 -9.89
C ASP A 351 -21.06 -5.59 -9.53
N ASN A 352 -22.15 -6.27 -9.28
CA ASN A 352 -23.32 -5.61 -8.70
C ASN A 352 -23.24 -5.54 -7.19
N TYR A 353 -22.25 -6.23 -6.63
CA TYR A 353 -21.94 -6.16 -5.21
C TYR A 353 -20.45 -5.84 -5.06
N ASN A 354 -20.08 -5.43 -3.85
CA ASN A 354 -18.68 -5.29 -3.52
C ASN A 354 -17.99 -6.64 -3.47
N ARG A 355 -16.66 -6.61 -3.46
CA ARG A 355 -15.86 -7.83 -3.45
C ARG A 355 -14.94 -7.85 -2.25
N PHE A 356 -15.51 -7.60 -1.09
CA PHE A 356 -14.80 -7.67 0.17
C PHE A 356 -15.25 -8.92 0.92
N TRP A 357 -14.32 -9.79 1.25
CA TRP A 357 -14.66 -11.08 1.85
C TRP A 357 -13.70 -11.47 2.95
N GLU A 358 -14.14 -12.37 3.81
CA GLU A 358 -13.28 -12.91 4.86
C GLU A 358 -13.35 -14.42 4.90
N TYR A 359 -12.35 -15.07 5.49
CA TYR A 359 -12.42 -16.50 5.75
C TYR A 359 -11.60 -16.81 6.99
N ASN A 360 -12.24 -17.38 8.01
CA ASN A 360 -11.51 -17.99 9.13
C ASN A 360 -10.62 -17.03 9.90
N ASN A 361 -11.11 -15.83 10.12
CA ASN A 361 -10.42 -14.87 10.96
C ASN A 361 -10.77 -15.11 12.43
N SER A 362 -9.99 -14.52 13.32
CA SER A 362 -10.24 -14.65 14.74
C SER A 362 -9.91 -13.36 15.41
N GLY A 363 -10.09 -13.35 16.74
CA GLY A 363 -9.91 -12.15 17.55
C GLY A 363 -11.22 -11.46 17.84
N ASN A 364 -11.17 -10.40 18.61
CA ASN A 364 -12.39 -9.75 19.10
C ASN A 364 -13.20 -9.10 17.99
N GLY A 365 -12.55 -8.76 16.87
CA GLY A 365 -13.20 -8.10 15.76
C GLY A 365 -13.73 -9.02 14.68
N ALA A 366 -13.49 -10.33 14.81
CA ALA A 366 -13.87 -11.33 13.81
C ALA A 366 -15.36 -11.75 13.88
#